data_5ZYU
#
_entry.id   5ZYU
#
_cell.length_a   80.714
_cell.length_b   80.714
_cell.length_c   79.769
_cell.angle_alpha   90.00
_cell.angle_beta   90.00
_cell.angle_gamma   120.00
#
_symmetry.space_group_name_H-M   'P 32'
#
loop_
_entity.id
_entity.type
_entity.pdbx_description
1 polymer "DNA (5'-D(P*CP*AP*AP*CP*AP*AP*CP*A)-3')"
2 polymer 'Mitochondrial genome maintenance exonuclease 1'
3 non-polymer GLYCEROL
4 water water
#
loop_
_entity_poly.entity_id
_entity_poly.type
_entity_poly.pdbx_seq_one_letter_code
_entity_poly.pdbx_strand_id
1 'polydeoxyribonucleotide' (DA)(DA)(DC)(DA)(DA)(DC)(DA)(DA)(DC)(DA)(DA)(DC)(DA)(DA)(DC) E,C
2 'polypeptide(L)'
;GEDRRVPQNWFPIFNPERSDKPNASDPSVPLKIPLQRNVIPSVTRVLQQTMTKQQVFLLERWKQRMILELGEDGFKEYTS
NVFLQGKRFHEALESILSPQETLKERDENLLKSGYIESVQHILKDVSGVRALESAVQHETLNYIGLLDCVAEYQGKLCVI
DWKTSEKPKPFIQSTFDNPLQVVAYMGAMNHDTNYSFQVQCGLIVVAYKDGSPAHPHFMDAELCSQYWTKWLLRLEEYTE
KKKNQNIQKPEYSE
;
A,B
#
loop_
_chem_comp.id
_chem_comp.type
_chem_comp.name
_chem_comp.formula
DA DNA linking 2'-DEOXYADENOSINE-5'-MONOPHOSPHATE 'C10 H14 N5 O6 P'
DC DNA linking 2'-DEOXYCYTIDINE-5'-MONOPHOSPHATE 'C9 H14 N3 O7 P'
GOL non-polymer GLYCEROL 'C3 H8 O3'
#
# COMPACT_ATOMS: atom_id res chain seq x y z
N ASN C 9 19.15 18.54 -14.78
CA ASN C 9 18.34 19.26 -13.80
C ASN C 9 16.87 19.35 -14.20
N TRP C 10 16.62 19.32 -15.51
CA TRP C 10 15.29 19.54 -16.08
C TRP C 10 14.55 18.22 -16.26
N PHE C 11 13.26 18.22 -15.94
CA PHE C 11 12.40 17.05 -16.13
C PHE C 11 11.25 17.44 -17.04
N PRO C 12 11.24 17.02 -18.29
CA PRO C 12 10.15 17.41 -19.20
C PRO C 12 8.89 16.62 -18.94
N ILE C 13 7.75 17.29 -19.13
CA ILE C 13 6.48 16.57 -19.04
C ILE C 13 6.23 15.75 -20.30
N PHE C 14 6.60 16.27 -21.46
CA PHE C 14 6.38 15.61 -22.74
C PHE C 14 7.60 14.78 -23.12
N ASN C 15 7.45 13.99 -24.19
CA ASN C 15 8.53 13.15 -24.70
C ASN C 15 8.54 13.29 -26.22
N PRO C 16 9.36 14.20 -26.74
CA PRO C 16 9.33 14.49 -28.18
C PRO C 16 9.86 13.38 -29.06
N GLU C 17 10.41 12.32 -28.47
CA GLU C 17 10.82 11.17 -29.25
C GLU C 17 9.63 10.30 -29.64
N ARG C 18 8.46 10.53 -29.04
CA ARG C 18 7.26 9.76 -29.33
C ARG C 18 6.28 10.57 -30.17
N SER C 19 5.32 9.87 -30.76
CA SER C 19 4.18 10.48 -31.43
C SER C 19 3.00 10.58 -30.46
N ASP C 20 2.08 11.51 -30.77
CA ASP C 20 0.93 11.79 -29.91
C ASP C 20 -0.39 11.63 -30.64
N LYS C 21 -0.43 10.80 -31.68
CA LYS C 21 -1.62 10.65 -32.50
C LYS C 21 -1.65 9.28 -33.18
N VAL C 29 -8.01 -2.85 -28.21
CA VAL C 29 -8.37 -2.82 -26.79
C VAL C 29 -7.48 -1.80 -26.05
N PRO C 30 -8.08 -1.03 -25.14
CA PRO C 30 -7.29 -0.08 -24.35
C PRO C 30 -6.22 -0.78 -23.51
N LEU C 31 -5.11 -0.07 -23.28
CA LEU C 31 -4.09 -0.58 -22.38
C LEU C 31 -4.62 -0.54 -20.95
N LYS C 32 -4.35 -1.61 -20.20
CA LYS C 32 -4.69 -1.68 -18.78
C LYS C 32 -3.50 -2.35 -18.08
N ILE C 33 -2.45 -1.57 -17.89
CA ILE C 33 -1.22 -2.11 -17.32
C ILE C 33 -1.42 -2.33 -15.84
N PRO C 34 -1.17 -3.53 -15.33
CA PRO C 34 -1.34 -3.77 -13.90
C PRO C 34 -0.31 -3.02 -13.07
N LEU C 35 -0.74 -2.59 -11.89
CA LEU C 35 0.18 -2.00 -10.93
C LEU C 35 0.77 -3.14 -10.10
N GLN C 36 2.11 -3.27 -10.15
CA GLN C 36 2.77 -4.42 -9.53
C GLN C 36 2.49 -4.51 -8.04
N ARG C 37 2.59 -3.38 -7.33
CA ARG C 37 2.35 -3.39 -5.88
C ARG C 37 0.93 -3.79 -5.53
N ASN C 38 0.01 -3.72 -6.50
CA ASN C 38 -1.38 -4.09 -6.28
C ASN C 38 -1.64 -5.57 -6.56
N VAL C 39 -0.84 -6.18 -7.43
CA VAL C 39 -1.05 -7.58 -7.80
C VAL C 39 -0.03 -8.52 -7.16
N ILE C 40 1.01 -7.99 -6.51
CA ILE C 40 1.99 -8.78 -5.76
C ILE C 40 1.79 -8.48 -4.28
N PRO C 41 1.15 -9.38 -3.53
CA PRO C 41 0.77 -9.05 -2.15
C PRO C 41 1.93 -9.18 -1.18
N SER C 42 1.79 -8.47 -0.08
CA SER C 42 2.65 -8.65 1.08
C SER C 42 2.25 -9.92 1.84
N VAL C 43 3.21 -10.45 2.63
CA VAL C 43 2.93 -11.60 3.49
C VAL C 43 1.76 -11.31 4.43
N THR C 44 1.74 -10.12 5.06
CA THR C 44 0.63 -9.70 5.93
C THR C 44 -0.70 -9.78 5.21
N ARG C 45 -0.77 -9.21 4.01
CA ARG C 45 -2.03 -9.20 3.28
C ARG C 45 -2.49 -10.62 2.97
N VAL C 46 -1.57 -11.50 2.54
CA VAL C 46 -1.97 -12.87 2.21
C VAL C 46 -2.57 -13.56 3.42
N LEU C 47 -1.87 -13.48 4.55
CA LEU C 47 -2.31 -14.18 5.76
C LEU C 47 -3.63 -13.59 6.28
N GLN C 48 -3.74 -12.27 6.32
CA GLN C 48 -4.93 -11.66 6.91
C GLN C 48 -6.19 -11.93 6.07
N GLN C 49 -6.06 -12.05 4.75
CA GLN C 49 -7.17 -12.30 3.85
C GLN C 49 -7.52 -13.77 3.66
N THR C 50 -6.79 -14.70 4.32
CA THR C 50 -7.05 -16.14 4.16
C THR C 50 -7.18 -16.86 5.51
N MET C 51 -7.55 -16.16 6.57
CA MET C 51 -7.80 -16.84 7.84
C MET C 51 -8.96 -17.82 7.71
N THR C 52 -8.95 -18.87 8.53
CA THR C 52 -10.08 -19.82 8.52
C THR C 52 -11.34 -19.16 9.07
N LYS C 53 -12.50 -19.73 8.71
CA LYS C 53 -13.77 -19.20 9.24
C LYS C 53 -13.78 -19.30 10.77
N GLN C 54 -13.13 -20.32 11.33
CA GLN C 54 -13.05 -20.46 12.79
C GLN C 54 -12.22 -19.34 13.41
N GLN C 55 -11.09 -18.97 12.80
CA GLN C 55 -10.31 -17.88 13.37
C GLN C 55 -11.03 -16.54 13.22
N VAL C 56 -11.68 -16.33 12.07
CA VAL C 56 -12.50 -15.12 11.89
C VAL C 56 -13.58 -15.06 12.97
N PHE C 57 -14.25 -16.19 13.23
CA PHE C 57 -15.27 -16.24 14.28
C PHE C 57 -14.71 -15.86 15.65
N LEU C 58 -13.58 -16.48 16.05
CA LEU C 58 -12.98 -16.19 17.35
C LEU C 58 -12.62 -14.73 17.48
N LEU C 59 -11.99 -14.15 16.44
CA LEU C 59 -11.63 -12.74 16.47
C LEU C 59 -12.87 -11.84 16.49
N GLU C 60 -13.92 -12.20 15.74
CA GLU C 60 -15.12 -11.35 15.76
C GLU C 60 -15.81 -11.43 17.11
N ARG C 61 -15.82 -12.62 17.72
CA ARG C 61 -16.48 -12.76 19.03
C ARG C 61 -15.70 -12.01 20.11
N TRP C 62 -14.37 -12.08 20.04
CA TRP C 62 -13.52 -11.28 20.93
C TRP C 62 -13.73 -9.78 20.72
N LYS C 63 -13.78 -9.33 19.46
CA LYS C 63 -13.96 -7.90 19.23
C LYS C 63 -15.29 -7.40 19.77
N GLN C 64 -16.35 -8.19 19.64
CA GLN C 64 -17.62 -7.79 20.21
C GLN C 64 -17.55 -7.71 21.73
N ARG C 65 -16.90 -8.68 22.38
CA ARG C 65 -16.71 -8.62 23.83
C ARG C 65 -15.93 -7.38 24.23
N MET C 66 -14.88 -7.05 23.48
CA MET C 66 -14.09 -5.85 23.77
C MET C 66 -14.89 -4.57 23.59
N ILE C 67 -15.74 -4.50 22.55
CA ILE C 67 -16.54 -3.30 22.32
C ILE C 67 -17.58 -3.15 23.43
N LEU C 68 -18.17 -4.27 23.86
CA LEU C 68 -19.14 -4.19 24.96
C LEU C 68 -18.46 -3.74 26.25
N GLU C 69 -17.22 -4.21 26.50
CA GLU C 69 -16.51 -3.87 27.75
C GLU C 69 -15.95 -2.46 27.73
N LEU C 70 -15.34 -2.06 26.61
CA LEU C 70 -14.60 -0.81 26.53
C LEU C 70 -15.36 0.31 25.86
N GLY C 71 -16.44 0.01 25.13
CA GLY C 71 -17.06 0.97 24.25
C GLY C 71 -16.38 1.01 22.89
N GLU C 72 -17.10 1.55 21.91
CA GLU C 72 -16.58 1.54 20.55
C GLU C 72 -15.29 2.36 20.44
N ASP C 73 -15.25 3.53 21.06
CA ASP C 73 -14.03 4.35 20.99
C ASP C 73 -12.93 3.78 21.87
N GLY C 74 -13.28 3.21 23.02
CA GLY C 74 -12.29 2.57 23.88
C GLY C 74 -11.62 1.40 23.20
N PHE C 75 -12.38 0.63 22.41
CA PHE C 75 -11.77 -0.48 21.68
C PHE C 75 -10.82 0.04 20.59
N LYS C 76 -11.21 1.10 19.90
CA LYS C 76 -10.32 1.68 18.90
C LYS C 76 -9.01 2.11 19.55
N GLU C 77 -9.09 2.65 20.77
CA GLU C 77 -7.89 3.11 21.45
C GLU C 77 -7.05 1.93 21.93
N TYR C 78 -7.69 0.88 22.46
CA TYR C 78 -7.00 -0.36 22.78
C TYR C 78 -6.22 -0.89 21.57
N THR C 79 -6.89 -0.96 20.41
CA THR C 79 -6.26 -1.46 19.20
C THR C 79 -5.04 -0.61 18.80
N SER C 80 -5.20 0.72 18.87
CA SER C 80 -4.09 1.61 18.58
C SER C 80 -2.92 1.38 19.52
N ASN C 81 -3.21 1.18 20.81
CA ASN C 81 -2.14 1.02 21.80
C ASN C 81 -1.40 -0.31 21.58
N VAL C 82 -2.12 -1.37 21.20
CA VAL C 82 -1.45 -2.64 20.92
C VAL C 82 -0.48 -2.49 19.77
N PHE C 83 -0.90 -1.81 18.68
CA PHE C 83 -0.02 -1.59 17.53
C PHE C 83 1.18 -0.74 17.92
N LEU C 84 0.95 0.34 18.67
CA LEU C 84 2.04 1.25 19.04
C LEU C 84 3.06 0.57 19.96
N GLN C 85 2.59 -0.17 20.98
CA GLN C 85 3.52 -0.94 21.81
C GLN C 85 4.38 -1.87 20.96
N GLY C 86 3.75 -2.55 19.99
CA GLY C 86 4.54 -3.43 19.11
C GLY C 86 5.56 -2.68 18.28
N LYS C 87 5.14 -1.55 17.68
CA LYS C 87 6.09 -0.74 16.89
C LYS C 87 7.24 -0.25 17.75
N ARG C 88 6.95 0.22 18.98
CA ARG C 88 8.02 0.69 19.87
C ARG C 88 9.00 -0.42 20.19
N PHE C 89 8.47 -1.61 20.51
CA PHE C 89 9.34 -2.74 20.81
C PHE C 89 10.28 -3.02 19.65
N HIS C 90 9.76 -2.98 18.44
CA HIS C 90 10.59 -3.26 17.27
C HIS C 90 11.59 -2.14 17.00
N GLU C 91 11.22 -0.89 17.27
CA GLU C 91 12.19 0.20 17.17
C GLU C 91 13.33 0.03 18.17
N ALA C 92 13.01 -0.39 19.39
CA ALA C 92 14.06 -0.62 20.37
C ALA C 92 14.96 -1.77 19.93
N LEU C 93 14.36 -2.82 19.36
CA LEU C 93 15.16 -3.96 18.93
C LEU C 93 16.06 -3.58 17.78
N GLU C 94 15.55 -2.79 16.84
CA GLU C 94 16.37 -2.42 15.70
C GLU C 94 17.64 -1.70 16.14
N SER C 95 17.54 -0.86 17.15
CA SER C 95 18.71 -0.14 17.63
C SER C 95 19.63 -1.02 18.46
N ILE C 96 19.07 -1.96 19.24
CA ILE C 96 19.89 -2.94 19.97
C ILE C 96 20.67 -3.81 18.99
N LEU C 97 20.02 -4.25 17.92
CA LEU C 97 20.63 -5.21 16.99
C LEU C 97 21.54 -4.57 15.95
N SER C 98 21.55 -3.23 15.83
CA SER C 98 22.38 -2.50 14.86
C SER C 98 23.76 -2.23 15.42
N PRO C 99 24.76 -2.06 14.54
CA PRO C 99 26.13 -1.89 15.04
C PRO C 99 26.35 -0.61 15.83
N GLN C 100 25.73 0.50 15.43
CA GLN C 100 25.89 1.76 16.15
C GLN C 100 24.64 2.62 16.03
N ASN C 109 14.76 6.20 26.21
CA ASN C 109 13.49 5.78 26.81
C ASN C 109 12.99 4.48 26.17
N LEU C 110 13.39 4.26 24.92
CA LEU C 110 12.91 3.11 24.16
C LEU C 110 13.34 1.78 24.77
N LEU C 111 14.49 1.75 25.45
CA LEU C 111 15.11 0.51 25.91
C LEU C 111 14.79 0.18 27.37
N LYS C 112 13.78 0.81 27.96
CA LYS C 112 13.43 0.58 29.36
C LYS C 112 12.17 -0.27 29.54
N SER C 113 11.56 -0.71 28.47
CA SER C 113 10.24 -1.33 28.56
C SER C 113 10.32 -2.74 29.15
N GLY C 114 9.17 -3.22 29.62
CA GLY C 114 9.09 -4.58 30.08
C GLY C 114 9.34 -5.61 29.00
N TYR C 115 8.98 -5.27 27.75
CA TYR C 115 9.22 -6.19 26.63
C TYR C 115 10.72 -6.40 26.42
N ILE C 116 11.50 -5.33 26.51
CA ILE C 116 12.95 -5.45 26.36
C ILE C 116 13.53 -6.24 27.52
N GLU C 117 13.05 -6.01 28.73
CA GLU C 117 13.44 -6.86 29.84
C GLU C 117 13.09 -8.32 29.57
N SER C 118 11.93 -8.57 28.96
CA SER C 118 11.47 -9.94 28.72
C SER C 118 12.47 -10.72 27.87
N VAL C 119 13.09 -10.04 26.90
CA VAL C 119 13.93 -10.72 25.92
C VAL C 119 15.41 -10.65 26.26
N GLN C 120 15.78 -10.21 27.46
CA GLN C 120 17.20 -10.11 27.81
C GLN C 120 17.92 -11.46 27.67
N HIS C 121 17.30 -12.52 28.14
CA HIS C 121 17.98 -13.82 28.06
C HIS C 121 18.08 -14.32 26.63
N ILE C 122 17.16 -13.90 25.74
CA ILE C 122 17.27 -14.25 24.33
C ILE C 122 18.37 -13.44 23.66
N LEU C 123 18.40 -12.13 23.93
CA LEU C 123 19.37 -11.28 23.25
C LEU C 123 20.80 -11.71 23.52
N LYS C 124 21.06 -12.30 24.68
CA LYS C 124 22.42 -12.77 24.98
C LYS C 124 22.85 -13.92 24.08
N ASP C 125 21.91 -14.65 23.48
CA ASP C 125 22.22 -15.71 22.54
C ASP C 125 22.12 -15.28 21.07
N VAL C 126 21.87 -14.00 20.80
CA VAL C 126 21.76 -13.51 19.43
C VAL C 126 23.07 -12.84 19.04
N SER C 127 23.56 -13.17 17.84
CA SER C 127 24.81 -12.61 17.34
C SER C 127 24.79 -12.70 15.82
N GLY C 128 25.82 -12.14 15.20
CA GLY C 128 26.00 -12.21 13.77
C GLY C 128 24.80 -11.77 12.96
N VAL C 129 24.30 -10.57 13.26
CA VAL C 129 23.15 -10.02 12.57
C VAL C 129 23.51 -9.76 11.12
N ARG C 130 22.74 -10.36 10.19
CA ARG C 130 23.02 -10.22 8.76
C ARG C 130 22.00 -9.40 7.99
N ALA C 131 20.79 -9.20 8.52
CA ALA C 131 19.79 -8.33 7.90
C ALA C 131 18.84 -7.82 8.99
N LEU C 132 18.37 -6.58 8.81
CA LEU C 132 17.42 -5.95 9.73
C LEU C 132 16.38 -5.18 8.93
N GLU C 133 15.10 -5.43 9.21
CA GLU C 133 13.99 -4.73 8.57
C GLU C 133 14.24 -4.60 7.07
N SER C 134 14.36 -5.75 6.41
CA SER C 134 14.94 -5.81 5.08
C SER C 134 13.95 -6.47 4.13
N ALA C 135 13.82 -5.92 2.93
CA ALA C 135 12.79 -6.37 2.00
C ALA C 135 13.18 -7.69 1.37
N VAL C 136 12.21 -8.58 1.21
CA VAL C 136 12.38 -9.82 0.48
C VAL C 136 11.26 -9.93 -0.54
N GLN C 137 11.58 -10.56 -1.66
CA GLN C 137 10.60 -10.77 -2.72
C GLN C 137 10.84 -12.12 -3.36
N HIS C 138 9.81 -12.95 -3.40
CA HIS C 138 9.97 -14.25 -4.03
C HIS C 138 9.76 -14.10 -5.52
N GLU C 139 10.79 -14.45 -6.29
CA GLU C 139 10.82 -14.15 -7.72
C GLU C 139 9.73 -14.88 -8.49
N THR C 140 9.32 -16.08 -8.06
CA THR C 140 8.39 -16.87 -8.83
C THR C 140 7.05 -17.14 -8.15
N LEU C 141 6.94 -16.98 -6.83
CA LEU C 141 5.66 -17.09 -6.14
C LEU C 141 4.97 -15.74 -5.97
N ASN C 142 5.60 -14.65 -6.41
CA ASN C 142 4.91 -13.36 -6.53
C ASN C 142 4.34 -12.84 -5.21
N TYR C 143 5.21 -12.70 -4.22
CA TYR C 143 4.84 -12.01 -2.99
C TYR C 143 6.08 -11.33 -2.45
N ILE C 144 5.87 -10.39 -1.55
CA ILE C 144 6.95 -9.61 -0.99
C ILE C 144 6.74 -9.56 0.51
N GLY C 145 7.78 -9.13 1.21
CA GLY C 145 7.64 -8.93 2.63
C GLY C 145 8.80 -8.12 3.14
N LEU C 146 8.73 -7.79 4.44
CA LEU C 146 9.81 -7.13 5.15
C LEU C 146 10.11 -7.97 6.40
N LEU C 147 11.30 -8.56 6.50
CA LEU C 147 11.57 -9.40 7.66
C LEU C 147 12.14 -8.56 8.81
N ASP C 148 11.92 -9.03 10.05
CA ASP C 148 12.46 -8.33 11.21
C ASP C 148 13.98 -8.40 11.19
N CYS C 149 14.52 -9.59 11.02
CA CYS C 149 15.89 -9.78 11.42
C CYS C 149 16.37 -11.15 10.94
N VAL C 150 17.57 -11.20 10.40
CA VAL C 150 18.28 -12.47 10.20
C VAL C 150 19.52 -12.42 11.04
N ALA C 151 19.66 -13.38 11.95
CA ALA C 151 20.78 -13.39 12.88
C ALA C 151 20.95 -14.80 13.39
N GLU C 152 22.08 -15.03 14.05
CA GLU C 152 22.32 -16.33 14.67
C GLU C 152 21.72 -16.33 16.07
N TYR C 153 21.02 -17.41 16.38
CA TYR C 153 20.53 -17.70 17.72
C TYR C 153 21.24 -18.97 18.19
N GLN C 154 22.07 -18.84 19.22
CA GLN C 154 22.90 -19.95 19.69
C GLN C 154 23.72 -20.53 18.53
N GLY C 155 24.19 -19.65 17.64
CA GLY C 155 25.04 -20.04 16.54
C GLY C 155 24.31 -20.49 15.28
N LYS C 156 22.98 -20.59 15.30
CA LYS C 156 22.23 -21.08 14.14
C LYS C 156 21.58 -19.89 13.44
N LEU C 157 21.82 -19.74 12.14
CA LEU C 157 21.31 -18.57 11.43
C LEU C 157 19.80 -18.72 11.20
N CYS C 158 19.04 -17.69 11.60
CA CYS C 158 17.58 -17.73 11.70
C CYS C 158 16.98 -16.48 11.10
N VAL C 159 15.81 -16.62 10.48
CA VAL C 159 14.87 -15.50 10.38
C VAL C 159 14.21 -15.43 11.75
N ILE C 160 14.30 -14.27 12.40
CA ILE C 160 13.74 -14.10 13.73
C ILE C 160 12.54 -13.16 13.62
N ASP C 161 11.42 -13.60 14.20
CA ASP C 161 10.14 -12.89 14.20
C ASP C 161 9.88 -12.50 15.65
N TRP C 162 10.09 -11.23 15.98
CA TRP C 162 9.89 -10.76 17.35
C TRP C 162 8.45 -10.30 17.52
N LYS C 163 7.81 -10.70 18.62
CA LYS C 163 6.39 -10.43 18.81
C LYS C 163 6.07 -10.01 20.25
N THR C 164 5.40 -8.86 20.41
CA THR C 164 4.79 -8.59 21.71
C THR C 164 3.50 -9.41 21.84
N SER C 165 3.15 -9.75 23.07
CA SER C 165 1.92 -10.53 23.28
C SER C 165 1.33 -10.24 24.64
N GLU C 166 0.01 -9.98 24.67
CA GLU C 166 -0.66 -9.81 25.95
C GLU C 166 -0.74 -11.11 26.74
N LYS C 167 -1.02 -12.23 26.09
CA LYS C 167 -1.22 -13.48 26.79
C LYS C 167 -0.02 -14.39 26.58
N PRO C 168 0.23 -15.33 27.49
CA PRO C 168 1.37 -16.24 27.30
C PRO C 168 1.22 -17.04 26.02
N LYS C 169 2.34 -17.30 25.36
CA LYS C 169 2.33 -18.16 24.17
C LYS C 169 3.42 -19.19 24.38
N PRO C 170 3.18 -20.18 25.24
CA PRO C 170 4.25 -21.11 25.63
C PRO C 170 4.51 -22.22 24.62
N PHE C 171 3.67 -22.39 23.61
CA PHE C 171 3.86 -23.41 22.59
C PHE C 171 3.87 -22.74 21.22
N ILE C 172 4.60 -23.32 20.26
CA ILE C 172 4.62 -22.70 18.94
C ILE C 172 3.22 -22.68 18.36
N GLN C 173 2.40 -23.69 18.72
CA GLN C 173 1.01 -23.67 18.27
C GLN C 173 0.20 -22.55 18.89
N SER C 174 0.72 -21.83 19.89
CA SER C 174 0.01 -20.70 20.47
C SER C 174 0.16 -19.42 19.67
N THR C 175 1.02 -19.44 18.68
CA THR C 175 1.37 -18.26 17.91
C THR C 175 0.63 -17.98 16.62
N PHE C 176 -0.43 -18.74 16.38
CA PHE C 176 -1.25 -18.52 15.23
C PHE C 176 -0.44 -18.54 13.93
N ASP C 177 -0.55 -17.50 13.14
CA ASP C 177 0.13 -17.47 11.86
C ASP C 177 1.65 -17.09 11.92
N ASN C 178 2.19 -16.82 13.09
CA ASN C 178 3.58 -16.39 13.13
C ASN C 178 4.53 -17.37 12.41
N PRO C 179 4.39 -18.69 12.56
CA PRO C 179 5.32 -19.59 11.84
C PRO C 179 5.19 -19.46 10.34
N LEU C 180 3.97 -19.14 9.84
CA LEU C 180 3.82 -18.93 8.41
C LEU C 180 4.50 -17.65 7.95
N GLN C 181 4.44 -16.61 8.77
CA GLN C 181 5.18 -15.39 8.44
C GLN C 181 6.68 -15.67 8.36
N VAL C 182 7.21 -16.41 9.33
CA VAL C 182 8.62 -16.79 9.33
C VAL C 182 9.01 -17.50 8.04
N VAL C 183 8.29 -18.57 7.69
CA VAL C 183 8.74 -19.35 6.52
C VAL C 183 8.49 -18.57 5.22
N ALA C 184 7.45 -17.75 5.17
CA ALA C 184 7.27 -16.92 3.99
C ALA C 184 8.52 -16.06 3.75
N TYR C 185 9.06 -15.48 4.81
CA TYR C 185 10.27 -14.67 4.67
C TYR C 185 11.47 -15.54 4.29
N MET C 186 11.61 -16.73 4.88
CA MET C 186 12.75 -17.57 4.53
C MET C 186 12.74 -17.95 3.05
N GLY C 187 11.61 -18.45 2.56
CA GLY C 187 11.53 -18.87 1.17
C GLY C 187 11.76 -17.71 0.22
N ALA C 188 11.23 -16.54 0.55
CA ALA C 188 11.43 -15.37 -0.30
C ALA C 188 12.89 -14.96 -0.32
N MET C 189 13.48 -14.80 0.86
CA MET C 189 14.88 -14.41 0.97
C MET C 189 15.80 -15.39 0.25
N ASN C 190 15.51 -16.68 0.38
CA ASN C 190 16.30 -17.73 -0.26
C ASN C 190 16.18 -17.74 -1.78
N HIS C 191 15.23 -17.01 -2.34
CA HIS C 191 15.04 -16.93 -3.78
C HIS C 191 14.92 -15.48 -4.22
N ASP C 192 15.71 -14.62 -3.59
CA ASP C 192 15.75 -13.17 -3.85
C ASP C 192 17.20 -12.84 -4.17
N THR C 193 17.46 -12.36 -5.39
CA THR C 193 18.86 -12.16 -5.81
C THR C 193 19.57 -11.07 -5.00
N ASN C 194 18.86 -10.33 -4.16
CA ASN C 194 19.52 -9.36 -3.28
C ASN C 194 20.27 -9.99 -2.12
N TYR C 195 20.15 -11.30 -1.94
CA TYR C 195 20.79 -12.02 -0.85
C TYR C 195 21.67 -13.11 -1.42
N SER C 196 22.88 -13.22 -0.90
CA SER C 196 23.82 -14.20 -1.43
C SER C 196 23.87 -15.49 -0.62
N PHE C 197 23.22 -15.53 0.54
CA PHE C 197 23.21 -16.68 1.42
C PHE C 197 21.77 -17.19 1.59
N GLN C 198 21.64 -18.38 2.16
CA GLN C 198 20.32 -18.92 2.46
C GLN C 198 20.17 -19.10 3.96
N VAL C 199 18.93 -19.20 4.41
CA VAL C 199 18.63 -19.43 5.82
C VAL C 199 17.72 -20.64 5.92
N GLN C 200 18.04 -21.55 6.85
CA GLN C 200 17.29 -22.79 6.98
C GLN C 200 16.55 -22.98 8.30
N CYS C 201 16.63 -22.01 9.23
CA CYS C 201 15.90 -22.11 10.48
C CYS C 201 15.14 -20.80 10.74
N GLY C 202 14.17 -20.89 11.65
CA GLY C 202 13.38 -19.74 12.02
C GLY C 202 13.30 -19.67 13.52
N LEU C 203 12.90 -18.49 14.02
CA LEU C 203 12.75 -18.31 15.46
C LEU C 203 11.63 -17.31 15.70
N ILE C 204 10.66 -17.67 16.54
CA ILE C 204 9.63 -16.73 16.97
C ILE C 204 9.93 -16.40 18.42
N VAL C 205 10.03 -15.11 18.76
CA VAL C 205 10.31 -14.70 20.13
C VAL C 205 9.09 -13.94 20.64
N VAL C 206 8.46 -14.44 21.69
CA VAL C 206 7.24 -13.84 22.21
C VAL C 206 7.60 -13.11 23.50
N ALA C 207 7.47 -11.78 23.51
CA ALA C 207 7.87 -10.95 24.64
C ALA C 207 6.67 -10.40 25.39
N TYR C 208 6.86 -10.18 26.70
CA TYR C 208 5.73 -9.90 27.59
C TYR C 208 5.92 -8.56 28.29
N LYS C 209 4.81 -7.83 28.44
CA LYS C 209 4.89 -6.45 28.90
C LYS C 209 5.32 -6.36 30.35
N ASP C 210 5.09 -7.41 31.14
CA ASP C 210 5.42 -7.39 32.55
C ASP C 210 6.85 -7.81 32.81
N GLY C 211 7.65 -8.01 31.75
CA GLY C 211 9.04 -8.37 31.91
C GLY C 211 9.31 -9.83 32.16
N SER C 212 8.29 -10.66 32.26
CA SER C 212 8.52 -12.08 32.48
C SER C 212 9.28 -12.67 31.30
N PRO C 213 10.01 -13.77 31.51
CA PRO C 213 10.90 -14.28 30.46
C PRO C 213 10.16 -14.59 29.17
N ALA C 214 10.71 -14.09 28.07
CA ALA C 214 10.14 -14.33 26.74
C ALA C 214 10.20 -15.81 26.38
N HIS C 215 9.29 -16.25 25.51
CA HIS C 215 9.31 -17.62 25.01
C HIS C 215 9.95 -17.66 23.63
N PRO C 216 11.07 -18.36 23.46
CA PRO C 216 11.62 -18.55 22.11
C PRO C 216 11.08 -19.85 21.51
N HIS C 217 10.59 -19.79 20.26
CA HIS C 217 10.09 -20.99 19.58
C HIS C 217 10.98 -21.18 18.36
N PHE C 218 11.92 -22.12 18.46
CA PHE C 218 12.89 -22.35 17.40
C PHE C 218 12.28 -23.33 16.40
N MET C 219 12.55 -23.09 15.11
CA MET C 219 12.00 -23.88 14.01
C MET C 219 13.17 -24.42 13.20
N ASP C 220 13.46 -25.71 13.35
CA ASP C 220 14.56 -26.25 12.57
C ASP C 220 14.13 -26.46 11.12
N ALA C 221 15.03 -27.00 10.28
CA ALA C 221 14.72 -27.06 8.85
C ALA C 221 13.50 -27.94 8.58
N GLU C 222 13.37 -29.04 9.32
CA GLU C 222 12.22 -29.92 9.12
C GLU C 222 10.92 -29.20 9.47
N LEU C 223 10.90 -28.52 10.61
CA LEU C 223 9.70 -27.82 11.02
C LEU C 223 9.41 -26.68 10.04
N CYS C 224 10.45 -25.99 9.55
CA CYS C 224 10.19 -24.92 8.58
C CYS C 224 9.59 -25.48 7.29
N SER C 225 10.06 -26.65 6.87
CA SER C 225 9.51 -27.25 5.66
C SER C 225 8.05 -27.63 5.84
N GLN C 226 7.66 -28.07 7.05
CA GLN C 226 6.25 -28.38 7.32
C GLN C 226 5.38 -27.14 7.23
N TYR C 227 5.82 -26.03 7.83
CA TYR C 227 5.02 -24.81 7.76
C TYR C 227 5.03 -24.24 6.35
N TRP C 228 6.10 -24.49 5.59
CA TRP C 228 6.15 -23.98 4.22
C TRP C 228 4.97 -24.50 3.38
N THR C 229 4.63 -25.78 3.55
CA THR C 229 3.46 -26.36 2.89
C THR C 229 2.19 -25.58 3.19
N LYS C 230 2.01 -25.25 4.47
CA LYS C 230 0.84 -24.50 4.89
C LYS C 230 0.86 -23.07 4.33
N TRP C 231 2.03 -22.42 4.28
CA TRP C 231 2.12 -21.08 3.68
C TRP C 231 1.76 -21.12 2.20
N LEU C 232 2.26 -22.13 1.48
CA LEU C 232 1.96 -22.25 0.06
C LEU C 232 0.44 -22.43 -0.16
N LEU C 233 -0.21 -23.17 0.73
CA LEU C 233 -1.67 -23.31 0.60
C LEU C 233 -2.36 -21.95 0.81
N ARG C 234 -1.92 -21.17 1.81
CA ARG C 234 -2.52 -19.85 2.05
C ARG C 234 -2.31 -18.96 0.85
N LEU C 235 -1.14 -19.06 0.22
CA LEU C 235 -0.88 -18.25 -0.97
C LEU C 235 -1.79 -18.68 -2.14
N GLU C 236 -2.03 -20.00 -2.30
CA GLU C 236 -2.95 -20.43 -3.36
C GLU C 236 -4.38 -20.00 -3.05
N GLU C 237 -4.79 -20.09 -1.79
CA GLU C 237 -6.10 -19.57 -1.40
C GLU C 237 -6.23 -18.09 -1.69
N TYR C 238 -5.19 -17.30 -1.40
CA TYR C 238 -5.24 -15.88 -1.73
C TYR C 238 -5.37 -15.67 -3.23
N THR C 239 -4.55 -16.38 -4.00
CA THR C 239 -4.62 -16.29 -5.44
C THR C 239 -6.00 -16.69 -5.96
N GLU C 240 -6.58 -17.76 -5.43
CA GLU C 240 -7.90 -18.18 -5.89
C GLU C 240 -8.98 -17.15 -5.49
N LYS C 241 -8.84 -16.53 -4.35
CA LYS C 241 -9.75 -15.52 -3.91
C LYS C 241 -9.74 -14.28 -4.82
N LYS C 242 -8.57 -13.88 -5.30
CA LYS C 242 -8.45 -12.67 -6.11
C LYS C 242 -8.96 -12.88 -7.53
N LYS C 243 -8.92 -14.10 -8.05
CA LYS C 243 -9.45 -14.31 -9.40
C LYS C 243 -10.95 -14.57 -9.38
N ASN C 244 -11.51 -14.95 -8.23
CA ASN C 244 -12.95 -14.87 -8.04
C ASN C 244 -13.42 -13.45 -7.79
N GLN C 245 -12.50 -12.49 -7.65
CA GLN C 245 -12.80 -11.06 -7.63
C GLN C 245 -12.58 -10.40 -8.98
N ASN C 246 -12.38 -11.19 -10.04
CA ASN C 246 -12.10 -10.65 -11.36
C ASN C 246 -12.38 -11.69 -12.46
N ASN D 9 4.94 -29.13 -10.18
CA ASN D 9 5.78 -27.93 -10.03
C ASN D 9 6.04 -27.64 -8.55
N TRP D 10 7.26 -27.94 -8.11
CA TRP D 10 7.67 -27.86 -6.72
C TRP D 10 8.30 -26.50 -6.43
N PHE D 11 8.03 -25.94 -5.26
CA PHE D 11 8.63 -24.68 -4.82
C PHE D 11 9.42 -24.92 -3.54
N PRO D 12 10.74 -24.97 -3.60
CA PRO D 12 11.51 -25.25 -2.39
C PRO D 12 11.61 -24.03 -1.49
N ILE D 13 11.62 -24.30 -0.18
CA ILE D 13 11.87 -23.21 0.76
C ILE D 13 13.35 -22.85 0.78
N PHE D 14 14.24 -23.85 0.68
CA PHE D 14 15.67 -23.61 0.75
C PHE D 14 16.23 -23.41 -0.65
N ASN D 15 17.52 -23.04 -0.71
CA ASN D 15 18.22 -22.84 -1.98
C ASN D 15 19.59 -23.50 -1.82
N PRO D 16 19.73 -24.75 -2.26
CA PRO D 16 20.98 -25.49 -2.02
C PRO D 16 22.15 -24.98 -2.84
N GLU D 17 21.94 -24.05 -3.77
CA GLU D 17 23.04 -23.44 -4.50
C GLU D 17 23.76 -22.38 -3.67
N ARG D 18 23.21 -21.99 -2.52
CA ARG D 18 23.81 -21.01 -1.63
C ARG D 18 24.38 -21.67 -0.38
N SER D 19 25.23 -20.92 0.32
CA SER D 19 25.69 -21.31 1.66
C SER D 19 24.81 -20.68 2.73
N ASP D 20 24.82 -21.29 3.92
CA ASP D 20 23.99 -20.87 5.05
C ASP D 20 24.85 -20.53 6.27
N LYS D 21 26.10 -20.14 6.07
CA LYS D 21 27.01 -19.88 7.17
C LYS D 21 28.13 -18.93 6.76
N VAL D 29 28.00 -4.43 8.33
CA VAL D 29 26.69 -3.85 8.59
C VAL D 29 25.57 -4.76 8.04
N PRO D 30 24.50 -4.93 8.81
CA PRO D 30 23.38 -5.75 8.34
C PRO D 30 22.76 -5.21 7.05
N LEU D 31 22.25 -6.13 6.23
CA LEU D 31 21.48 -5.72 5.07
C LEU D 31 20.16 -5.09 5.49
N LYS D 32 19.79 -4.00 4.82
CA LYS D 32 18.50 -3.35 5.02
C LYS D 32 18.00 -2.94 3.63
N ILE D 33 17.50 -3.91 2.89
CA ILE D 33 17.08 -3.66 1.51
C ILE D 33 15.77 -2.89 1.54
N PRO D 34 15.70 -1.73 0.89
CA PRO D 34 14.45 -0.98 0.89
C PRO D 34 13.37 -1.71 0.11
N LEU D 35 12.13 -1.54 0.58
CA LEU D 35 10.97 -2.03 -0.14
C LEU D 35 10.55 -0.96 -1.14
N GLN D 36 10.54 -1.31 -2.42
CA GLN D 36 10.31 -0.32 -3.48
C GLN D 36 8.95 0.36 -3.34
N ARG D 37 7.90 -0.42 -3.08
CA ARG D 37 6.57 0.17 -2.96
C ARG D 37 6.47 1.13 -1.78
N ASN D 38 7.40 1.05 -0.84
CA ASN D 38 7.39 1.93 0.33
C ASN D 38 8.20 3.21 0.09
N VAL D 39 9.17 3.18 -0.82
CA VAL D 39 10.00 4.33 -1.08
C VAL D 39 9.66 5.02 -2.39
N ILE D 40 8.80 4.42 -3.22
CA ILE D 40 8.29 5.03 -4.44
C ILE D 40 6.80 5.35 -4.23
N PRO D 41 6.45 6.61 -3.98
CA PRO D 41 5.06 6.91 -3.60
C PRO D 41 4.13 6.98 -4.80
N SER D 42 2.86 6.76 -4.50
CA SER D 42 1.79 7.03 -5.44
C SER D 42 1.52 8.54 -5.55
N VAL D 43 0.92 8.94 -6.67
CA VAL D 43 0.53 10.33 -6.87
C VAL D 43 -0.38 10.80 -5.73
N THR D 44 -1.38 9.98 -5.35
CA THR D 44 -2.26 10.30 -4.23
C THR D 44 -1.48 10.60 -2.96
N ARG D 45 -0.53 9.75 -2.65
CA ARG D 45 0.26 9.91 -1.44
C ARG D 45 1.03 11.21 -1.45
N VAL D 46 1.68 11.50 -2.55
CA VAL D 46 2.49 12.71 -2.62
C VAL D 46 1.63 13.93 -2.36
N LEU D 47 0.49 14.01 -3.06
CA LEU D 47 -0.40 15.16 -2.95
C LEU D 47 -1.00 15.27 -1.55
N GLN D 48 -1.46 14.15 -0.99
CA GLN D 48 -2.14 14.21 0.30
C GLN D 48 -1.18 14.59 1.42
N GLN D 49 0.10 14.19 1.32
CA GLN D 49 1.10 14.50 2.35
C GLN D 49 1.78 15.86 2.17
N THR D 50 1.42 16.66 1.14
CA THR D 50 2.07 17.94 0.90
C THR D 50 1.07 19.10 0.70
N MET D 51 -0.15 18.98 1.22
CA MET D 51 -1.09 20.09 1.15
C MET D 51 -0.57 21.31 1.91
N THR D 52 -1.00 22.51 1.50
CA THR D 52 -0.59 23.70 2.24
C THR D 52 -1.23 23.71 3.62
N LYS D 53 -0.62 24.47 4.54
CA LYS D 53 -1.22 24.63 5.86
C LYS D 53 -2.61 25.25 5.76
N GLN D 54 -2.81 26.12 4.76
CA GLN D 54 -4.13 26.71 4.55
C GLN D 54 -5.16 25.67 4.10
N GLN D 55 -4.80 24.76 3.19
CA GLN D 55 -5.78 23.71 2.82
C GLN D 55 -6.06 22.76 3.97
N VAL D 56 -5.01 22.38 4.73
CA VAL D 56 -5.20 21.54 5.91
C VAL D 56 -6.16 22.21 6.89
N PHE D 57 -5.96 23.51 7.13
CA PHE D 57 -6.87 24.26 8.02
C PHE D 57 -8.32 24.21 7.53
N LEU D 58 -8.54 24.50 6.24
CA LEU D 58 -9.90 24.50 5.69
C LEU D 58 -10.55 23.12 5.82
N LEU D 59 -9.80 22.06 5.50
CA LEU D 59 -10.35 20.71 5.61
C LEU D 59 -10.63 20.34 7.07
N GLU D 60 -9.75 20.76 7.98
CA GLU D 60 -9.98 20.42 9.39
C GLU D 60 -11.16 21.21 9.95
N ARG D 61 -11.32 22.46 9.53
CA ARG D 61 -12.46 23.25 9.99
C ARG D 61 -13.77 22.69 9.44
N TRP D 62 -13.76 22.28 8.19
CA TRP D 62 -14.91 21.59 7.61
C TRP D 62 -15.21 20.26 8.34
N LYS D 63 -14.17 19.48 8.63
CA LYS D 63 -14.42 18.20 9.30
C LYS D 63 -15.03 18.41 10.67
N GLN D 64 -14.57 19.44 11.40
CA GLN D 64 -15.18 19.71 12.69
C GLN D 64 -16.65 20.13 12.56
N ARG D 65 -16.98 20.97 11.57
CA ARG D 65 -18.37 21.34 11.33
C ARG D 65 -19.22 20.12 11.01
N MET D 66 -18.68 19.21 10.19
CA MET D 66 -19.42 17.99 9.84
C MET D 66 -19.61 17.08 11.04
N ILE D 67 -18.59 16.96 11.90
CA ILE D 67 -18.75 16.10 13.07
C ILE D 67 -19.78 16.69 14.02
N LEU D 68 -19.77 18.02 14.18
CA LEU D 68 -20.74 18.65 15.05
C LEU D 68 -22.16 18.48 14.49
N GLU D 69 -22.32 18.55 13.15
CA GLU D 69 -23.65 18.42 12.52
C GLU D 69 -24.13 16.97 12.48
N LEU D 70 -23.27 16.04 12.11
CA LEU D 70 -23.66 14.67 11.85
C LEU D 70 -23.37 13.71 12.98
N GLY D 71 -22.54 14.10 13.95
CA GLY D 71 -22.01 13.17 14.90
C GLY D 71 -20.78 12.45 14.36
N GLU D 72 -19.99 11.89 15.28
CA GLU D 72 -18.73 11.27 14.87
C GLU D 72 -18.99 10.08 13.95
N ASP D 73 -19.97 9.24 14.26
CA ASP D 73 -20.26 8.09 13.41
C ASP D 73 -20.98 8.51 12.13
N GLY D 74 -21.84 9.52 12.20
CA GLY D 74 -22.48 10.03 10.99
C GLY D 74 -21.47 10.60 10.01
N PHE D 75 -20.44 11.28 10.53
CA PHE D 75 -19.42 11.79 9.61
C PHE D 75 -18.63 10.65 8.95
N LYS D 76 -18.29 9.61 9.72
CA LYS D 76 -17.63 8.46 9.11
C LYS D 76 -18.50 7.86 8.03
N GLU D 77 -19.81 7.80 8.29
CA GLU D 77 -20.78 7.30 7.29
C GLU D 77 -20.77 8.18 6.03
N TYR D 78 -20.88 9.50 6.22
CA TYR D 78 -20.78 10.45 5.10
C TYR D 78 -19.51 10.22 4.28
N THR D 79 -18.35 10.12 4.96
CA THR D 79 -17.08 9.93 4.25
C THR D 79 -17.08 8.64 3.43
N SER D 80 -17.58 7.54 4.02
CA SER D 80 -17.67 6.28 3.30
C SER D 80 -18.54 6.40 2.07
N ASN D 81 -19.68 7.12 2.19
CA ASN D 81 -20.61 7.22 1.07
CA ASN D 81 -20.59 7.21 1.07
C ASN D 81 -20.01 8.05 -0.06
N VAL D 82 -19.25 9.11 0.27
CA VAL D 82 -18.60 9.91 -0.77
C VAL D 82 -17.62 9.05 -1.57
N PHE D 83 -16.82 8.23 -0.87
CA PHE D 83 -15.87 7.36 -1.57
C PHE D 83 -16.62 6.35 -2.44
N LEU D 84 -17.68 5.76 -1.87
CA LEU D 84 -18.42 4.72 -2.61
C LEU D 84 -19.09 5.28 -3.86
N GLN D 85 -19.76 6.43 -3.74
CA GLN D 85 -20.33 7.06 -4.93
C GLN D 85 -19.26 7.28 -6.00
N GLY D 86 -18.08 7.76 -5.60
CA GLY D 86 -17.02 7.97 -6.57
C GLY D 86 -16.53 6.69 -7.21
N LYS D 87 -16.32 5.64 -6.41
CA LYS D 87 -15.92 4.35 -6.97
C LYS D 87 -16.97 3.81 -7.92
N ARG D 88 -18.26 3.93 -7.56
CA ARG D 88 -19.33 3.44 -8.45
C ARG D 88 -19.32 4.18 -9.78
N PHE D 89 -19.16 5.50 -9.73
CA PHE D 89 -19.11 6.29 -10.94
C PHE D 89 -17.99 5.83 -11.84
N HIS D 90 -16.82 5.56 -11.25
CA HIS D 90 -15.69 5.11 -12.05
C HIS D 90 -15.90 3.70 -12.58
N GLU D 91 -16.55 2.84 -11.81
CA GLU D 91 -16.89 1.52 -12.36
C GLU D 91 -17.84 1.62 -13.55
N ALA D 92 -18.84 2.50 -13.47
CA ALA D 92 -19.74 2.68 -14.61
C ALA D 92 -19.00 3.24 -15.80
N LEU D 93 -18.08 4.17 -15.57
CA LEU D 93 -17.33 4.76 -16.67
C LEU D 93 -16.43 3.73 -17.32
N GLU D 94 -15.81 2.87 -16.51
CA GLU D 94 -14.91 1.87 -17.08
C GLU D 94 -15.67 0.96 -18.04
N SER D 95 -16.90 0.61 -17.71
CA SER D 95 -17.67 -0.26 -18.60
C SER D 95 -18.17 0.49 -19.84
N ILE D 96 -18.53 1.77 -19.69
CA ILE D 96 -18.92 2.58 -20.85
C ILE D 96 -17.75 2.72 -21.82
N LEU D 97 -16.54 2.96 -21.29
CA LEU D 97 -15.41 3.30 -22.17
C LEU D 97 -14.68 2.10 -22.76
N SER D 98 -14.88 0.94 -22.26
CA SER D 98 -14.14 -0.17 -22.84
C SER D 98 -14.98 -0.88 -23.89
N PRO D 99 -14.36 -1.61 -24.83
CA PRO D 99 -15.12 -2.09 -26.01
C PRO D 99 -16.27 -3.07 -25.73
N GLN D 100 -16.13 -3.98 -24.78
CA GLN D 100 -17.23 -4.92 -24.50
C GLN D 100 -17.17 -5.29 -23.03
N ASN D 109 -27.38 -1.59 -13.24
CA ASN D 109 -27.86 -0.56 -12.31
C ASN D 109 -26.86 0.60 -12.23
N LEU D 110 -25.60 0.28 -12.51
CA LEU D 110 -24.52 1.27 -12.37
C LEU D 110 -24.69 2.45 -13.34
N LEU D 111 -25.34 2.23 -14.49
CA LEU D 111 -25.37 3.23 -15.55
C LEU D 111 -26.60 4.12 -15.51
N LYS D 112 -27.35 4.15 -14.40
CA LYS D 112 -28.55 4.97 -14.28
C LYS D 112 -28.36 6.19 -13.38
N SER D 113 -27.17 6.40 -12.85
CA SER D 113 -26.98 7.40 -11.79
C SER D 113 -27.04 8.82 -12.36
N GLY D 114 -27.22 9.77 -11.44
CA GLY D 114 -27.16 11.17 -11.82
C GLY D 114 -25.80 11.60 -12.34
N TYR D 115 -24.72 10.99 -11.83
CA TYR D 115 -23.38 11.33 -12.31
C TYR D 115 -23.22 10.94 -13.79
N ILE D 116 -23.73 9.77 -14.16
CA ILE D 116 -23.65 9.34 -15.55
C ILE D 116 -24.49 10.24 -16.43
N GLU D 117 -25.67 10.62 -15.97
CA GLU D 117 -26.45 11.61 -16.71
C GLU D 117 -25.68 12.91 -16.86
N SER D 118 -24.95 13.31 -15.81
CA SER D 118 -24.22 14.58 -15.83
C SER D 118 -23.21 14.62 -16.98
N VAL D 119 -22.59 13.48 -17.29
CA VAL D 119 -21.50 13.44 -18.26
C VAL D 119 -21.95 12.99 -19.65
N GLN D 120 -23.26 12.89 -19.89
CA GLN D 120 -23.71 12.44 -21.23
C GLN D 120 -23.17 13.32 -22.34
N HIS D 121 -23.19 14.64 -22.14
CA HIS D 121 -22.73 15.53 -23.20
C HIS D 121 -21.22 15.46 -23.40
N ILE D 122 -20.46 15.13 -22.36
CA ILE D 122 -19.03 14.92 -22.53
C ILE D 122 -18.74 13.58 -23.19
N LEU D 123 -19.44 12.51 -22.79
CA LEU D 123 -19.17 11.19 -23.36
C LEU D 123 -19.36 11.19 -24.88
N LYS D 124 -20.26 12.03 -25.40
CA LYS D 124 -20.48 12.08 -26.84
C LYS D 124 -19.28 12.65 -27.59
N ASP D 125 -18.41 13.40 -26.92
CA ASP D 125 -17.18 13.93 -27.50
C ASP D 125 -15.95 13.08 -27.19
N VAL D 126 -16.10 11.95 -26.49
CA VAL D 126 -14.99 11.07 -26.15
C VAL D 126 -14.94 9.91 -27.13
N SER D 127 -13.74 9.61 -27.64
CA SER D 127 -13.54 8.52 -28.61
C SER D 127 -12.10 8.07 -28.51
N GLY D 128 -11.77 7.01 -29.26
CA GLY D 128 -10.41 6.52 -29.36
C GLY D 128 -9.71 6.29 -28.04
N VAL D 129 -10.36 5.51 -27.16
CA VAL D 129 -9.81 5.20 -25.84
C VAL D 129 -8.54 4.37 -26.01
N ARG D 130 -7.43 4.84 -25.43
CA ARG D 130 -6.15 4.14 -25.54
C ARG D 130 -5.66 3.49 -24.26
N ALA D 131 -6.17 3.89 -23.09
CA ALA D 131 -5.83 3.26 -21.83
C ALA D 131 -6.95 3.51 -20.82
N LEU D 132 -7.19 2.52 -19.96
CA LEU D 132 -8.20 2.60 -18.90
C LEU D 132 -7.62 1.98 -17.64
N GLU D 133 -7.68 2.73 -16.55
CA GLU D 133 -7.24 2.31 -15.23
C GLU D 133 -5.93 1.58 -15.37
N SER D 134 -4.91 2.32 -15.79
CA SER D 134 -3.68 1.73 -16.27
C SER D 134 -2.51 2.34 -15.51
N ALA D 135 -1.55 1.49 -15.13
CA ALA D 135 -0.47 1.90 -14.24
C ALA D 135 0.57 2.70 -15.02
N VAL D 136 1.08 3.76 -14.38
CA VAL D 136 2.18 4.54 -14.93
C VAL D 136 3.25 4.66 -13.86
N GLN D 137 4.49 4.73 -14.29
CA GLN D 137 5.61 4.89 -13.38
C GLN D 137 6.65 5.79 -14.03
N HIS D 138 7.02 6.86 -13.36
CA HIS D 138 8.01 7.75 -13.93
C HIS D 138 9.38 7.16 -13.60
N GLU D 139 10.15 6.85 -14.64
CA GLU D 139 11.38 6.09 -14.48
C GLU D 139 12.43 6.82 -13.65
N THR D 140 12.46 8.16 -13.71
CA THR D 140 13.51 8.92 -13.06
C THR D 140 13.06 9.83 -11.93
N LEU D 141 11.77 10.17 -11.84
CA LEU D 141 11.26 10.94 -10.72
C LEU D 141 10.68 10.05 -9.62
N ASN D 142 10.69 8.73 -9.80
CA ASN D 142 10.42 7.79 -8.70
C ASN D 142 9.04 8.00 -8.08
N TYR D 143 7.99 7.90 -8.90
CA TYR D 143 6.63 7.84 -8.39
C TYR D 143 5.81 7.00 -9.36
N ILE D 144 4.65 6.56 -8.90
CA ILE D 144 3.77 5.71 -9.69
C ILE D 144 2.36 6.25 -9.56
N GLY D 145 1.49 5.76 -10.42
CA GLY D 145 0.09 6.10 -10.33
C GLY D 145 -0.73 5.16 -11.19
N LEU D 146 -2.05 5.34 -11.10
CA LEU D 146 -3.00 4.64 -11.96
C LEU D 146 -3.90 5.71 -12.56
N LEU D 147 -3.87 5.89 -13.87
CA LEU D 147 -4.70 6.94 -14.47
C LEU D 147 -6.09 6.39 -14.81
N ASP D 148 -7.09 7.28 -14.81
CA ASP D 148 -8.45 6.87 -15.17
C ASP D 148 -8.49 6.40 -16.61
N CYS D 149 -7.97 7.24 -17.51
CA CYS D 149 -8.37 7.07 -18.90
C CYS D 149 -7.47 7.94 -19.76
N VAL D 150 -7.02 7.39 -20.89
CA VAL D 150 -6.44 8.18 -21.96
C VAL D 150 -7.32 8.01 -23.17
N ALA D 151 -7.84 9.12 -23.68
CA ALA D 151 -8.78 9.06 -24.80
C ALA D 151 -8.80 10.42 -25.47
N GLU D 152 -9.41 10.46 -26.65
CA GLU D 152 -9.56 11.72 -27.35
C GLU D 152 -10.82 12.42 -26.87
N TYR D 153 -10.69 13.70 -26.59
CA TYR D 153 -11.82 14.58 -26.31
C TYR D 153 -11.87 15.61 -27.43
N GLN D 154 -12.95 15.57 -28.22
CA GLN D 154 -13.06 16.43 -29.41
C GLN D 154 -11.84 16.25 -30.30
N GLY D 155 -11.33 15.03 -30.38
CA GLY D 155 -10.23 14.69 -31.26
C GLY D 155 -8.85 14.90 -30.68
N LYS D 156 -8.73 15.47 -29.47
CA LYS D 156 -7.43 15.74 -28.86
C LYS D 156 -7.17 14.69 -27.79
N LEU D 157 -6.02 14.01 -27.89
CA LEU D 157 -5.74 12.91 -26.97
C LEU D 157 -5.38 13.47 -25.59
N CYS D 158 -6.06 12.97 -24.55
CA CYS D 158 -6.03 13.54 -23.20
C CYS D 158 -5.86 12.44 -22.16
N VAL D 159 -5.13 12.75 -21.09
CA VAL D 159 -5.36 12.05 -19.82
C VAL D 159 -6.62 12.67 -19.26
N ILE D 160 -7.63 11.85 -19.00
CA ILE D 160 -8.90 12.35 -18.49
C ILE D 160 -9.04 11.89 -17.05
N ASP D 161 -9.36 12.85 -16.17
CA ASP D 161 -9.53 12.66 -14.73
C ASP D 161 -11.02 12.88 -14.44
N TRP D 162 -11.77 11.82 -14.24
CA TRP D 162 -13.19 11.95 -13.97
C TRP D 162 -13.42 12.11 -12.47
N LYS D 163 -14.29 13.06 -12.10
CA LYS D 163 -14.47 13.35 -10.67
C LYS D 163 -15.93 13.58 -10.29
N THR D 164 -16.44 12.86 -9.27
CA THR D 164 -17.71 13.30 -8.68
C THR D 164 -17.46 14.50 -7.76
N SER D 165 -18.49 15.34 -7.61
CA SER D 165 -18.33 16.52 -6.76
C SER D 165 -19.67 16.94 -6.17
N GLU D 166 -19.69 17.20 -4.87
CA GLU D 166 -20.90 17.69 -4.22
C GLU D 166 -21.24 19.11 -4.64
N LYS D 167 -20.23 19.98 -4.73
CA LYS D 167 -20.45 21.39 -5.01
C LYS D 167 -20.02 21.69 -6.44
N PRO D 168 -20.57 22.73 -7.06
CA PRO D 168 -20.15 23.06 -8.43
C PRO D 168 -18.68 23.40 -8.48
N LYS D 169 -18.02 23.04 -9.58
CA LYS D 169 -16.60 23.40 -9.79
C LYS D 169 -16.53 23.99 -11.19
N PRO D 170 -16.99 25.23 -11.38
CA PRO D 170 -17.09 25.78 -12.73
C PRO D 170 -15.78 26.32 -13.29
N PHE D 171 -14.73 26.42 -12.48
CA PHE D 171 -13.43 26.90 -12.92
C PHE D 171 -12.38 25.85 -12.61
N ILE D 172 -11.34 25.79 -13.43
CA ILE D 172 -10.31 24.78 -13.16
C ILE D 172 -9.68 25.05 -11.80
N GLN D 173 -9.61 26.32 -11.39
CA GLN D 173 -9.11 26.62 -10.06
C GLN D 173 -10.02 26.12 -8.94
N SER D 174 -11.25 25.65 -9.26
CA SER D 174 -12.13 25.08 -8.24
C SER D 174 -11.82 23.62 -7.91
N THR D 175 -10.94 23.03 -8.66
CA THR D 175 -10.64 21.61 -8.54
C THR D 175 -9.45 21.19 -7.66
N PHE D 176 -8.91 22.13 -6.89
CA PHE D 176 -7.85 21.81 -5.99
C PHE D 176 -6.67 21.12 -6.66
N ASP D 177 -6.28 19.96 -6.18
CA ASP D 177 -5.15 19.27 -6.75
C ASP D 177 -5.44 18.44 -8.04
N ASN D 178 -6.67 18.43 -8.53
CA ASN D 178 -6.93 17.59 -9.70
C ASN D 178 -5.98 17.88 -10.88
N PRO D 179 -5.68 19.14 -11.21
CA PRO D 179 -4.73 19.38 -12.34
C PRO D 179 -3.36 18.81 -12.07
N LEU D 180 -2.92 18.78 -10.80
CA LEU D 180 -1.64 18.16 -10.48
C LEU D 180 -1.69 16.65 -10.68
N GLN D 181 -2.82 16.03 -10.33
CA GLN D 181 -2.99 14.60 -10.56
C GLN D 181 -2.91 14.29 -12.07
N VAL D 182 -3.60 15.10 -12.87
CA VAL D 182 -3.54 14.94 -14.34
C VAL D 182 -2.10 15.00 -14.85
N VAL D 183 -1.37 16.08 -14.54
CA VAL D 183 -0.05 16.20 -15.15
C VAL D 183 0.93 15.17 -14.58
N ALA D 184 0.74 14.78 -13.32
CA ALA D 184 1.58 13.69 -12.79
C ALA D 184 1.44 12.44 -13.65
N TYR D 185 0.21 12.10 -14.01
CA TYR D 185 0.00 10.94 -14.87
C TYR D 185 0.57 11.16 -16.26
N MET D 186 0.41 12.36 -16.82
CA MET D 186 0.95 12.59 -18.17
C MET D 186 2.47 12.44 -18.19
N GLY D 187 3.17 13.10 -17.27
CA GLY D 187 4.63 13.03 -17.25
C GLY D 187 5.13 11.61 -17.02
N ALA D 188 4.44 10.86 -16.14
CA ALA D 188 4.81 9.47 -15.88
C ALA D 188 4.60 8.62 -17.12
N MET D 189 3.42 8.71 -17.73
CA MET D 189 3.10 7.88 -18.89
C MET D 189 4.03 8.20 -20.06
N ASN D 190 4.38 9.48 -20.23
CA ASN D 190 5.30 9.90 -21.28
C ASN D 190 6.72 9.43 -21.08
N HIS D 191 7.08 8.93 -19.90
CA HIS D 191 8.42 8.43 -19.61
C HIS D 191 8.35 7.05 -18.96
N ASP D 192 7.41 6.23 -19.44
CA ASP D 192 7.19 4.86 -18.96
C ASP D 192 7.25 3.99 -20.20
N THR D 193 8.22 3.05 -20.25
CA THR D 193 8.43 2.27 -21.48
C THR D 193 7.27 1.34 -21.80
N ASN D 194 6.28 1.20 -20.92
CA ASN D 194 5.10 0.41 -21.26
C ASN D 194 4.17 1.11 -22.25
N TYR D 195 4.44 2.37 -22.59
CA TYR D 195 3.60 3.14 -23.50
C TYR D 195 4.44 3.61 -24.67
N SER D 196 3.89 3.48 -25.87
CA SER D 196 4.65 3.83 -27.06
C SER D 196 4.33 5.22 -27.59
N PHE D 197 3.31 5.88 -27.04
CA PHE D 197 2.87 7.20 -27.47
C PHE D 197 3.01 8.18 -26.30
N GLN D 198 2.90 9.47 -26.61
CA GLN D 198 2.90 10.50 -25.59
C GLN D 198 1.56 11.22 -25.60
N VAL D 199 1.25 11.89 -24.49
CA VAL D 199 0.02 12.66 -24.38
C VAL D 199 0.41 14.07 -23.96
N GLN D 200 -0.18 15.08 -24.62
CA GLN D 200 0.17 16.47 -24.36
C GLN D 200 -0.96 17.32 -23.81
N CYS D 201 -2.16 16.77 -23.61
CA CYS D 201 -3.26 17.53 -23.03
C CYS D 201 -3.90 16.72 -21.90
N GLY D 202 -4.65 17.43 -21.07
CA GLY D 202 -5.38 16.81 -20.00
C GLY D 202 -6.81 17.31 -19.99
N LEU D 203 -7.66 16.59 -19.24
CA LEU D 203 -9.05 16.97 -19.11
C LEU D 203 -9.55 16.55 -17.73
N ILE D 204 -10.13 17.48 -16.99
CA ILE D 204 -10.80 17.16 -15.73
C ILE D 204 -12.29 17.26 -15.98
N VAL D 205 -13.04 16.22 -15.65
CA VAL D 205 -14.50 16.22 -15.84
C VAL D 205 -15.15 16.15 -14.48
N VAL D 206 -15.93 17.16 -14.13
CA VAL D 206 -16.58 17.21 -12.82
C VAL D 206 -18.05 16.88 -13.02
N ALA D 207 -18.49 15.75 -12.43
CA ALA D 207 -19.85 15.26 -12.58
C ALA D 207 -20.66 15.45 -11.30
N TYR D 208 -21.97 15.65 -11.45
CA TYR D 208 -22.83 16.10 -10.36
C TYR D 208 -23.96 15.10 -10.13
N LYS D 209 -24.28 14.88 -8.84
CA LYS D 209 -25.19 13.81 -8.48
C LYS D 209 -26.62 14.07 -8.95
N ASP D 210 -27.00 15.33 -9.14
CA ASP D 210 -28.35 15.70 -9.53
C ASP D 210 -28.53 15.68 -11.04
N GLY D 211 -27.52 15.25 -11.80
CA GLY D 211 -27.62 15.14 -13.23
C GLY D 211 -27.39 16.40 -14.00
N SER D 212 -27.17 17.52 -13.33
CA SER D 212 -26.91 18.76 -14.05
C SER D 212 -25.64 18.60 -14.88
N PRO D 213 -25.49 19.39 -15.94
CA PRO D 213 -24.37 19.17 -16.88
C PRO D 213 -23.00 19.27 -16.21
N ALA D 214 -22.18 18.27 -16.47
CA ALA D 214 -20.82 18.22 -15.93
C ALA D 214 -19.98 19.38 -16.47
N HIS D 215 -18.94 19.77 -15.71
CA HIS D 215 -18.02 20.79 -16.19
C HIS D 215 -16.76 20.13 -16.72
N PRO D 216 -16.44 20.29 -18.00
CA PRO D 216 -15.14 19.80 -18.50
C PRO D 216 -14.09 20.91 -18.40
N HIS D 217 -12.91 20.61 -17.87
CA HIS D 217 -11.85 21.61 -17.74
C HIS D 217 -10.68 21.09 -18.57
N PHE D 218 -10.53 21.63 -19.77
CA PHE D 218 -9.52 21.14 -20.69
C PHE D 218 -8.21 21.86 -20.40
N MET D 219 -7.12 21.12 -20.51
CA MET D 219 -5.79 21.60 -20.22
C MET D 219 -4.88 21.42 -21.44
N ASP D 220 -4.59 22.50 -22.14
CA ASP D 220 -3.74 22.33 -23.31
C ASP D 220 -2.27 22.18 -22.87
N ALA D 221 -1.36 22.06 -23.85
CA ALA D 221 0.02 21.73 -23.49
C ALA D 221 0.65 22.83 -22.63
N GLU D 222 0.34 24.08 -22.93
CA GLU D 222 0.88 25.19 -22.15
C GLU D 222 0.40 25.12 -20.71
N LEU D 223 -0.90 24.90 -20.52
CA LEU D 223 -1.45 24.83 -19.18
C LEU D 223 -0.92 23.60 -18.45
N CYS D 224 -0.74 22.48 -19.16
CA CYS D 224 -0.16 21.29 -18.50
C CYS D 224 1.28 21.56 -18.06
N SER D 225 2.04 22.29 -18.87
CA SER D 225 3.42 22.58 -18.50
C SER D 225 3.46 23.48 -17.26
N GLN D 226 2.50 24.39 -17.13
CA GLN D 226 2.45 25.25 -15.94
C GLN D 226 2.15 24.43 -14.68
N TYR D 227 1.20 23.50 -14.76
CA TYR D 227 0.89 22.69 -13.59
C TYR D 227 2.01 21.69 -13.31
N TRP D 228 2.74 21.29 -14.35
CA TRP D 228 3.84 20.34 -14.12
C TRP D 228 4.88 20.94 -13.17
N THR D 229 5.18 22.24 -13.31
CA THR D 229 6.09 22.91 -12.37
C THR D 229 5.61 22.76 -10.93
N LYS D 230 4.31 22.98 -10.71
CA LYS D 230 3.75 22.85 -9.38
C LYS D 230 3.79 21.40 -8.88
N TRP D 231 3.52 20.42 -9.76
CA TRP D 231 3.62 19.00 -9.37
C TRP D 231 5.05 18.67 -8.95
N LEU D 232 6.04 19.14 -9.72
CA LEU D 232 7.44 18.88 -9.38
C LEU D 232 7.77 19.46 -8.00
N LEU D 233 7.23 20.64 -7.69
CA LEU D 233 7.46 21.21 -6.36
C LEU D 233 6.86 20.33 -5.27
N ARG D 234 5.62 19.82 -5.47
CA ARG D 234 5.00 18.96 -4.47
C ARG D 234 5.82 17.69 -4.29
N LEU D 235 6.36 17.17 -5.38
CA LEU D 235 7.19 15.96 -5.28
C LEU D 235 8.48 16.24 -4.50
N GLU D 236 9.10 17.40 -4.71
CA GLU D 236 10.32 17.73 -3.95
C GLU D 236 9.99 17.95 -2.47
N GLU D 237 8.87 18.60 -2.18
CA GLU D 237 8.42 18.75 -0.79
C GLU D 237 8.20 17.38 -0.12
N TYR D 238 7.59 16.43 -0.85
CA TYR D 238 7.39 15.10 -0.30
C TYR D 238 8.74 14.43 -0.03
N THR D 239 9.64 14.51 -1.00
CA THR D 239 10.95 13.89 -0.83
C THR D 239 11.68 14.45 0.39
N GLU D 240 11.65 15.77 0.58
CA GLU D 240 12.33 16.36 1.73
C GLU D 240 11.63 16.07 3.04
N LYS D 241 10.30 15.95 3.03
CA LYS D 241 9.60 15.53 4.24
C LYS D 241 10.04 14.13 4.69
N LYS D 242 10.30 13.23 3.75
CA LYS D 242 10.58 11.84 4.12
C LYS D 242 11.99 11.63 4.65
N LYS D 243 12.95 12.43 4.20
CA LYS D 243 14.31 12.34 4.73
C LYS D 243 14.45 13.15 6.02
N ASN D 244 13.51 14.07 6.31
CA ASN D 244 13.35 14.59 7.66
C ASN D 244 12.67 13.59 8.59
N GLN D 245 12.17 12.50 8.03
CA GLN D 245 11.70 11.34 8.78
C GLN D 245 12.73 10.22 8.84
N ASN D 246 13.98 10.49 8.45
CA ASN D 246 15.03 9.48 8.41
C ASN D 246 16.41 10.12 8.38
C1 GOL E . -0.97 -23.04 10.15
O1 GOL E . -2.31 -23.36 9.88
C2 GOL E . -0.76 -22.64 11.58
O2 GOL E . 0.25 -21.66 11.66
C3 GOL E . -2.00 -21.99 12.18
O3 GOL E . -2.32 -20.88 11.36
#